data_1NXN
#
_entry.id   1NXN
#
_cell.length_a   1.000
_cell.length_b   1.000
_cell.length_c   1.000
_cell.angle_alpha   90.00
_cell.angle_beta   90.00
_cell.angle_gamma   90.00
#
_symmetry.space_group_name_H-M   'P 1'
#
_entity_poly.entity_id   1
_entity_poly.type   'polypeptide(L)'
_entity_poly.pdbx_seq_one_letter_code
;GDCP(DTR)KPWC(NH2)
;
_entity_poly.pdbx_strand_id   A
#
# COMPACT_ATOMS: atom_id res chain seq x y z
N GLY A 1 3.12 6.36 -0.01
CA GLY A 1 1.87 6.81 0.59
C GLY A 1 0.71 5.93 0.15
N ASP A 2 1.06 4.82 -0.78
CA ASP A 2 0.13 4.27 -1.04
C ASP A 2 -0.52 3.35 -0.04
N CYS A 3 -0.16 3.37 1.14
CA CYS A 3 -0.75 2.51 2.17
C CYS A 3 -1.66 3.32 3.06
N PRO A 4 -2.59 2.68 3.74
CA PRO A 4 -2.80 1.23 3.66
C PRO A 4 -3.59 0.85 2.43
N LYS A 6 -3.25 -1.62 -0.19
CA LYS A 6 -2.36 -1.85 -1.34
C LYS A 6 -1.75 -3.19 -1.27
N PRO A 7 -1.50 -3.81 -2.34
CA PRO A 7 -0.92 -5.12 -2.35
C PRO A 7 0.51 -5.13 -2.06
N TRP A 8 1.18 -4.19 -2.48
CA TRP A 8 2.58 -4.15 -2.23
C TRP A 8 2.81 -3.39 -0.98
N CYS A 9 1.95 -2.94 -0.35
CA CYS A 9 2.12 -2.20 0.87
C CYS A 9 2.65 -3.22 1.88
N GLY A 1 -1.43 8.72 1.52
CA GLY A 1 -0.50 8.20 0.47
C GLY A 1 -1.08 6.92 -0.13
N ASP A 2 -0.24 6.08 -0.67
CA ASP A 2 -0.74 4.80 -1.28
C ASP A 2 -1.06 3.79 -0.18
N CYS A 3 -0.36 3.84 0.92
CA CYS A 3 -0.63 2.88 2.04
C CYS A 3 -1.57 3.53 3.07
N PRO A 4 -2.36 2.73 3.78
CA PRO A 4 -2.38 1.26 3.62
C PRO A 4 -3.35 0.85 2.51
N LYS A 6 -2.94 -1.70 0.11
CA LYS A 6 -2.18 -1.92 -1.15
C LYS A 6 -1.54 -3.32 -1.13
N PRO A 7 -1.46 -3.96 -2.27
CA PRO A 7 -0.85 -5.31 -2.33
C PRO A 7 0.67 -5.23 -2.11
N TRP A 8 1.28 -4.16 -2.56
CA TRP A 8 2.75 -4.01 -2.37
C TRP A 8 3.04 -3.19 -1.09
N CYS A 9 2.13 -3.21 -0.14
CA CYS A 9 2.35 -2.44 1.11
C CYS A 9 1.37 -2.89 2.20
N GLY A 1 -2.92 8.34 0.79
CA GLY A 1 -2.11 8.12 -0.43
C GLY A 1 -2.25 6.68 -0.90
N ASP A 2 -1.15 6.02 -1.17
CA ASP A 2 -1.21 4.60 -1.64
C ASP A 2 -1.49 3.67 -0.45
N CYS A 3 -0.83 3.89 0.65
CA CYS A 3 -1.04 3.01 1.86
C CYS A 3 -1.93 3.76 2.88
N PRO A 4 -2.60 3.02 3.74
CA PRO A 4 -2.56 1.53 3.76
C PRO A 4 -3.47 0.94 2.66
N LYS A 6 -2.96 -1.72 0.24
CA LYS A 6 -2.23 -1.82 -1.07
C LYS A 6 -1.68 -3.24 -1.28
N PRO A 7 -1.32 -3.56 -2.49
CA PRO A 7 -0.79 -4.92 -2.79
C PRO A 7 0.67 -5.06 -2.34
N TRP A 8 1.50 -4.08 -2.60
CA TRP A 8 2.93 -4.18 -2.19
C TRP A 8 3.13 -3.64 -0.77
N CYS A 9 2.27 -2.78 -0.31
CA CYS A 9 2.41 -2.22 1.07
C CYS A 9 2.18 -3.33 2.12
N GLY A 1 3.91 3.31 -2.52
CA GLY A 1 2.78 3.69 -3.41
C GLY A 1 1.77 4.54 -2.64
N ASP A 2 0.83 3.90 -1.99
CA ASP A 2 -0.20 4.66 -1.22
C ASP A 2 -0.93 3.72 -0.24
N CYS A 3 -0.35 3.49 0.91
CA CYS A 3 -0.98 2.59 1.92
C CYS A 3 -1.78 3.42 2.94
N PRO A 4 -2.63 2.78 3.72
CA PRO A 4 -2.85 1.30 3.64
C PRO A 4 -3.71 0.95 2.42
N LYS A 6 -3.18 -1.52 0.06
CA LYS A 6 -2.29 -1.71 -1.13
C LYS A 6 -1.71 -3.13 -1.13
N PRO A 7 -1.55 -3.70 -2.31
CA PRO A 7 -0.99 -5.08 -2.40
C PRO A 7 0.51 -5.08 -2.08
N TRP A 8 1.21 -4.03 -2.43
CA TRP A 8 2.67 -3.97 -2.14
C TRP A 8 2.94 -3.29 -0.79
N CYS A 9 1.97 -3.28 0.09
CA CYS A 9 2.18 -2.63 1.42
C CYS A 9 3.21 -3.42 2.25
N GLY A 1 -3.17 5.66 -3.54
CA GLY A 1 -2.48 5.60 -2.22
C GLY A 1 -1.64 4.32 -2.16
N ASP A 2 -0.38 4.45 -1.81
CA ASP A 2 0.52 3.26 -1.73
C ASP A 2 0.24 2.49 -0.43
N CYS A 3 -0.02 3.19 0.65
CA CYS A 3 -0.30 2.53 1.95
C CYS A 3 -1.30 3.38 2.77
N PRO A 4 -2.19 2.76 3.51
CA PRO A 4 -2.30 1.28 3.61
C PRO A 4 -3.30 0.75 2.58
N LYS A 6 -3.01 -1.81 0.24
CA LYS A 6 -2.37 -1.95 -1.11
C LYS A 6 -1.67 -3.31 -1.22
N PRO A 7 -1.37 -3.71 -2.45
CA PRO A 7 -0.70 -5.02 -2.67
C PRO A 7 0.77 -4.95 -2.22
N TRP A 8 1.47 -3.90 -2.57
CA TRP A 8 2.91 -3.79 -2.16
C TRP A 8 3.05 -3.06 -0.81
N CYS A 9 2.00 -3.02 -0.03
CA CYS A 9 2.07 -2.33 1.31
C CYS A 9 0.85 -2.71 2.16
N GLY A 1 5.60 2.46 3.75
CA GLY A 1 5.43 1.80 2.42
C GLY A 1 4.40 2.56 1.59
N ASP A 2 3.18 2.08 1.56
CA ASP A 2 2.11 2.77 0.78
C ASP A 2 0.74 2.29 1.22
N CYS A 3 0.53 2.14 2.51
CA CYS A 3 -0.79 1.69 3.02
C CYS A 3 -1.64 2.90 3.45
N PRO A 4 -2.91 2.68 3.74
CA PRO A 4 -3.56 1.34 3.67
C PRO A 4 -3.79 0.94 2.21
N LYS A 6 -3.56 -1.19 -1.37
CA LYS A 6 -2.34 -1.67 -2.10
C LYS A 6 -1.95 -3.10 -1.64
N PRO A 7 -1.63 -3.96 -2.58
CA PRO A 7 -1.25 -5.35 -2.23
C PRO A 7 0.17 -5.41 -1.67
N TRP A 8 1.04 -4.55 -2.14
CA TRP A 8 2.46 -4.57 -1.65
C TRP A 8 2.62 -3.68 -0.41
N CYS A 9 1.80 -2.65 -0.29
CA CYS A 9 1.89 -1.73 0.89
C CYS A 9 3.34 -1.23 1.06
N GLY A 1 0.16 4.08 -5.91
CA GLY A 1 0.73 4.42 -4.58
C GLY A 1 -0.41 4.75 -3.60
N ASP A 2 -0.69 3.87 -2.68
CA ASP A 2 -1.79 4.13 -1.70
C ASP A 2 -1.65 3.19 -0.49
N CYS A 3 -0.66 3.42 0.33
CA CYS A 3 -0.46 2.56 1.53
C CYS A 3 -1.10 3.24 2.77
N PRO A 4 -1.74 2.47 3.64
CA PRO A 4 -1.90 0.99 3.50
C PRO A 4 -3.06 0.66 2.55
N LYS A 6 -3.02 -1.74 0.11
CA LYS A 6 -2.48 -1.99 -1.25
C LYS A 6 -1.72 -3.33 -1.28
N PRO A 7 -1.38 -3.79 -2.46
CA PRO A 7 -0.66 -5.09 -2.58
C PRO A 7 0.80 -4.92 -2.15
N TRP A 8 1.41 -3.80 -2.46
CA TRP A 8 2.84 -3.58 -2.06
C TRP A 8 2.92 -2.89 -0.69
N CYS A 9 1.89 -2.96 0.11
CA CYS A 9 1.92 -2.30 1.44
C CYS A 9 0.73 -2.78 2.31
N GLY A 1 -3.30 8.62 -1.10
CA GLY A 1 -1.84 8.35 -1.18
C GLY A 1 -1.59 6.93 -1.68
N ASP A 2 -1.45 5.99 -0.78
CA ASP A 2 -1.21 4.58 -1.20
C ASP A 2 -1.50 3.62 -0.05
N CYS A 3 -0.73 3.71 1.01
CA CYS A 3 -0.95 2.81 2.19
C CYS A 3 -1.86 3.52 3.22
N PRO A 4 -2.71 2.79 3.91
CA PRO A 4 -2.86 1.31 3.75
C PRO A 4 -3.68 0.99 2.49
N LYS A 6 -3.05 -1.52 0.09
CA LYS A 6 -2.14 -1.75 -1.08
C LYS A 6 -1.61 -3.20 -1.03
N PRO A 7 -1.47 -3.82 -2.19
CA PRO A 7 -0.97 -5.21 -2.24
C PRO A 7 0.55 -5.27 -2.02
N TRP A 8 1.28 -4.31 -2.52
CA TRP A 8 2.77 -4.32 -2.34
C TRP A 8 3.18 -3.64 -1.03
N CYS A 9 2.41 -2.68 -0.57
CA CYS A 9 2.77 -1.99 0.71
C CYS A 9 2.62 -2.94 1.90
N GLY A 1 -4.07 7.67 0.86
CA GLY A 1 -4.02 7.52 -0.62
C GLY A 1 -3.79 6.05 -0.98
N ASP A 2 -2.58 5.70 -1.38
CA ASP A 2 -2.29 4.29 -1.74
C ASP A 2 -2.11 3.44 -0.48
N CYS A 3 -1.17 3.79 0.36
CA CYS A 3 -0.94 3.01 1.61
C CYS A 3 -1.69 3.68 2.77
N PRO A 4 -2.27 2.90 3.69
CA PRO A 4 -2.23 1.41 3.63
C PRO A 4 -3.27 0.88 2.65
N LYS A 6 -2.96 -1.74 0.17
CA LYS A 6 -2.38 -1.86 -1.20
C LYS A 6 -1.74 -3.25 -1.38
N PRO A 7 -1.34 -3.57 -2.59
CA PRO A 7 -0.73 -4.89 -2.85
C PRO A 7 0.73 -4.94 -2.35
N TRP A 8 1.46 -3.86 -2.51
CA TRP A 8 2.88 -3.86 -2.05
C TRP A 8 2.98 -3.41 -0.58
N CYS A 9 1.99 -2.72 -0.08
CA CYS A 9 2.05 -2.25 1.34
C CYS A 9 1.96 -3.46 2.29
N GLY A 1 1.94 9.14 0.64
CA GLY A 1 1.82 7.79 1.29
C GLY A 1 1.31 6.78 0.28
N ASP A 2 0.80 5.66 0.74
CA ASP A 2 0.27 4.62 -0.19
C ASP A 2 -0.62 3.63 0.55
N CYS A 3 -0.25 3.25 1.74
CA CYS A 3 -1.08 2.29 2.53
C CYS A 3 -1.97 3.06 3.53
N PRO A 4 -3.04 2.43 4.01
CA PRO A 4 -3.41 1.04 3.64
C PRO A 4 -4.02 0.99 2.23
N LYS A 6 -3.24 -1.27 -0.15
CA LYS A 6 -2.13 -1.58 -1.10
C LYS A 6 -1.77 -3.07 -0.97
N PRO A 7 -1.59 -3.74 -2.09
CA PRO A 7 -1.24 -5.18 -2.05
C PRO A 7 0.25 -5.39 -1.71
N TRP A 8 1.12 -4.54 -2.21
CA TRP A 8 2.57 -4.72 -1.92
C TRP A 8 2.95 -3.96 -0.62
N CYS A 9 2.48 -2.74 -0.48
CA CYS A 9 2.78 -1.91 0.74
C CYS A 9 4.27 -2.06 1.12
N GLY A 1 5.68 5.55 0.65
CA GLY A 1 5.35 4.51 -0.36
C GLY A 1 3.89 4.64 -0.78
N ASP A 2 3.06 3.72 -0.37
CA ASP A 2 1.61 3.80 -0.74
C ASP A 2 0.79 2.88 0.18
N CYS A 3 0.35 3.40 1.28
CA CYS A 3 -0.46 2.58 2.24
C CYS A 3 -1.53 3.48 2.91
N PRO A 4 -2.52 2.86 3.56
CA PRO A 4 -2.66 1.39 3.64
C PRO A 4 -3.53 0.86 2.50
N LYS A 6 -3.02 -1.76 0.21
CA LYS A 6 -2.23 -1.94 -1.05
C LYS A 6 -1.59 -3.33 -1.08
N PRO A 7 -1.44 -3.87 -2.27
CA PRO A 7 -0.82 -5.22 -2.40
C PRO A 7 0.69 -5.16 -2.14
N TRP A 8 1.34 -4.12 -2.61
CA TRP A 8 2.81 -4.00 -2.38
C TRP A 8 3.10 -3.16 -1.12
N CYS A 9 2.17 -3.13 -0.20
CA CYS A 9 2.38 -2.34 1.06
C CYS A 9 1.33 -2.73 2.12
N GLY A 1 4.43 3.10 0.18
CA GLY A 1 3.94 4.07 -0.83
C GLY A 1 2.43 3.88 -1.04
N ASP A 2 1.68 4.95 -1.00
CA ASP A 2 0.19 4.85 -1.19
C ASP A 2 -0.41 3.82 -0.22
N CYS A 3 0.07 3.78 1.00
CA CYS A 3 -0.47 2.81 2.00
C CYS A 3 -1.52 3.51 2.88
N PRO A 4 -2.37 2.76 3.55
CA PRO A 4 -2.38 1.27 3.49
C PRO A 4 -3.42 0.80 2.46
N LYS A 6 -3.16 -1.76 0.09
CA LYS A 6 -2.52 -1.97 -1.24
C LYS A 6 -1.81 -3.34 -1.29
N PRO A 7 -1.47 -3.80 -2.47
CA PRO A 7 -0.80 -5.11 -2.60
C PRO A 7 0.68 -5.02 -2.19
N TRP A 8 1.33 -3.93 -2.48
CA TRP A 8 2.77 -3.79 -2.10
C TRP A 8 2.94 -3.21 -0.69
N CYS A 9 1.93 -2.51 -0.20
CA CYS A 9 2.04 -1.93 1.18
C CYS A 9 2.08 -3.05 2.24
N GLY A 1 -0.60 9.31 -2.61
CA GLY A 1 -0.64 8.39 -1.44
C GLY A 1 -0.48 6.95 -1.92
N ASP A 2 -0.62 6.00 -1.03
CA ASP A 2 -0.47 4.56 -1.42
C ASP A 2 -1.08 3.66 -0.36
N CYS A 3 -0.45 3.56 0.79
CA CYS A 3 -0.99 2.69 1.87
C CYS A 3 -1.81 3.53 2.86
N PRO A 4 -2.62 2.89 3.70
CA PRO A 4 -2.76 1.40 3.70
C PRO A 4 -3.63 0.94 2.52
N LYS A 6 -3.10 -1.63 0.13
CA LYS A 6 -2.27 -1.75 -1.10
C LYS A 6 -1.72 -3.19 -1.23
N PRO A 7 -1.44 -3.60 -2.44
CA PRO A 7 -0.91 -4.97 -2.66
C PRO A 7 0.56 -5.05 -2.21
N TRP A 8 1.35 -4.06 -2.54
CA TRP A 8 2.78 -4.07 -2.12
C TRP A 8 2.97 -3.36 -0.76
N CYS A 9 1.92 -3.21 0.00
CA CYS A 9 2.05 -2.53 1.33
C CYS A 9 2.88 -3.40 2.29
N GLY A 1 6.37 3.65 2.34
CA GLY A 1 5.23 2.71 2.20
C GLY A 1 4.08 3.41 1.47
N ASP A 2 2.91 2.80 1.47
CA ASP A 2 1.73 3.42 0.78
C ASP A 2 0.43 2.78 1.25
N CYS A 3 0.33 2.50 2.54
CA CYS A 3 -0.92 1.87 3.06
C CYS A 3 -1.86 2.97 3.61
N PRO A 4 -3.13 2.64 3.86
CA PRO A 4 -3.66 1.26 3.63
C PRO A 4 -3.86 0.99 2.13
N LYS A 6 -3.56 -1.22 -1.54
CA LYS A 6 -2.35 -1.76 -2.24
C LYS A 6 -1.87 -3.07 -1.55
N PRO A 7 -1.84 -4.16 -2.30
CA PRO A 7 -1.41 -5.46 -1.72
C PRO A 7 0.09 -5.47 -1.39
N TRP A 8 0.86 -4.61 -2.01
CA TRP A 8 2.33 -4.59 -1.72
C TRP A 8 2.65 -3.67 -0.54
N CYS A 9 1.95 -2.57 -0.42
CA CYS A 9 2.18 -1.61 0.71
C CYS A 9 3.68 -1.30 0.83
N GLY A 1 5.27 4.09 -0.79
CA GLY A 1 4.33 3.92 0.35
C GLY A 1 2.95 3.52 -0.18
N ASP A 2 2.12 4.48 -0.50
CA ASP A 2 0.75 4.17 -1.02
C ASP A 2 0.02 3.17 -0.11
N CYS A 3 -0.18 3.52 1.12
CA CYS A 3 -0.87 2.60 2.08
C CYS A 3 -1.76 3.41 3.03
N PRO A 4 -2.68 2.75 3.73
CA PRO A 4 -2.88 1.27 3.61
C PRO A 4 -3.73 0.95 2.37
N LYS A 6 -3.20 -1.52 0.00
CA LYS A 6 -2.31 -1.75 -1.18
C LYS A 6 -1.73 -3.17 -1.12
N PRO A 7 -1.56 -3.79 -2.28
CA PRO A 7 -1.01 -5.16 -2.32
C PRO A 7 0.48 -5.15 -2.02
N TRP A 8 1.18 -4.11 -2.43
CA TRP A 8 2.65 -4.04 -2.16
C TRP A 8 2.93 -3.28 -0.85
N CYS A 9 1.97 -3.24 0.05
CA CYS A 9 2.20 -2.53 1.35
C CYS A 9 3.26 -3.26 2.19
N GLY A 1 4.35 5.99 0.19
CA GLY A 1 3.29 5.52 1.12
C GLY A 1 2.30 4.62 0.37
N ASP A 2 1.39 5.21 -0.37
CA ASP A 2 0.39 4.40 -1.14
C ASP A 2 -0.30 3.36 -0.24
N CYS A 3 -0.37 3.63 1.05
CA CYS A 3 -1.01 2.67 1.99
C CYS A 3 -1.83 3.43 3.05
N PRO A 4 -2.67 2.74 3.79
CA PRO A 4 -2.87 1.26 3.65
C PRO A 4 -3.72 0.96 2.41
N LYS A 6 -3.16 -1.51 0.02
CA LYS A 6 -2.26 -1.72 -1.16
C LYS A 6 -1.69 -3.15 -1.12
N PRO A 7 -1.56 -3.77 -2.27
CA PRO A 7 -1.03 -5.16 -2.32
C PRO A 7 0.48 -5.16 -2.02
N TRP A 8 1.17 -4.13 -2.43
CA TRP A 8 2.65 -4.08 -2.17
C TRP A 8 2.95 -3.34 -0.85
N CYS A 9 2.00 -3.28 0.05
CA CYS A 9 2.24 -2.59 1.34
C CYS A 9 3.28 -3.34 2.18
N GLY A 1 3.71 1.08 4.60
CA GLY A 1 4.08 2.11 3.59
C GLY A 1 2.93 2.27 2.58
N ASP A 2 2.96 3.33 1.81
CA ASP A 2 1.86 3.57 0.80
C ASP A 2 0.55 2.90 1.24
N CYS A 3 0.38 2.68 2.51
CA CYS A 3 -0.88 2.03 3.00
C CYS A 3 -1.84 3.10 3.54
N PRO A 4 -3.07 2.72 3.85
CA PRO A 4 -3.56 1.32 3.71
C PRO A 4 -3.80 0.99 2.23
N LYS A 6 -3.56 -1.20 -1.42
CA LYS A 6 -2.37 -1.72 -2.15
C LYS A 6 -2.01 -3.15 -1.65
N PRO A 7 -1.59 -4.00 -2.57
CA PRO A 7 -1.24 -5.38 -2.18
C PRO A 7 0.17 -5.46 -1.57
N TRP A 8 1.10 -4.71 -2.10
CA TRP A 8 2.50 -4.74 -1.56
C TRP A 8 2.68 -3.74 -0.42
N CYS A 9 1.91 -2.67 -0.42
CA CYS A 9 2.03 -1.64 0.66
C CYS A 9 3.50 -1.20 0.81
N GLY A 1 4.84 6.31 -0.70
CA GLY A 1 4.01 5.20 -0.15
C GLY A 1 2.55 5.39 -0.56
N ASP A 2 1.71 4.44 -0.24
CA ASP A 2 0.26 4.56 -0.61
C ASP A 2 -0.58 3.58 0.22
N CYS A 3 -0.14 3.25 1.40
CA CYS A 3 -0.91 2.31 2.27
C CYS A 3 -1.75 3.10 3.27
N PRO A 4 -2.78 2.48 3.85
CA PRO A 4 -3.13 1.05 3.54
C PRO A 4 -3.87 0.96 2.20
N LYS A 6 -3.30 -1.28 -0.16
CA LYS A 6 -2.32 -1.65 -1.24
C LYS A 6 -1.75 -3.06 -0.96
N PRO A 7 -1.69 -3.88 -1.98
CA PRO A 7 -1.16 -5.25 -1.79
C PRO A 7 0.37 -5.24 -1.66
N TRP A 8 1.02 -4.28 -2.25
CA TRP A 8 2.51 -4.20 -2.16
C TRP A 8 2.95 -3.32 -0.99
N CYS A 9 2.18 -3.27 0.07
CA CYS A 9 2.56 -2.42 1.24
C CYS A 9 3.83 -2.96 1.91
N GLY A 1 2.61 5.45 -2.89
CA GLY A 1 2.45 4.27 -2.00
C GLY A 1 0.97 3.96 -1.81
N ASP A 2 0.15 4.99 -1.72
CA ASP A 2 -1.33 4.79 -1.53
C ASP A 2 -1.60 3.82 -0.37
N CYS A 3 -0.86 3.95 0.70
CA CYS A 3 -1.07 3.04 1.87
C CYS A 3 -1.94 3.75 2.93
N PRO A 4 -2.61 2.99 3.78
CA PRO A 4 -2.55 1.50 3.77
C PRO A 4 -3.48 0.95 2.66
N LYS A 6 -2.95 -1.71 0.21
CA LYS A 6 -2.21 -1.82 -1.08
C LYS A 6 -1.67 -3.25 -1.27
N PRO A 7 -1.33 -3.58 -2.49
CA PRO A 7 -0.80 -4.94 -2.78
C PRO A 7 0.65 -5.09 -2.31
N TRP A 8 1.49 -4.13 -2.61
CA TRP A 8 2.93 -4.23 -2.20
C TRP A 8 3.14 -3.67 -0.79
N CYS A 9 2.28 -2.79 -0.35
CA CYS A 9 2.43 -2.19 1.02
C CYS A 9 2.21 -3.27 2.10
N GLY A 1 4.88 3.51 -0.69
CA GLY A 1 4.10 2.43 -0.03
C GLY A 1 2.61 2.58 -0.38
N ASP A 2 2.14 3.81 -0.45
CA ASP A 2 0.69 4.05 -0.79
C ASP A 2 -0.23 3.22 0.11
N CYS A 3 0.10 3.10 1.37
CA CYS A 3 -0.74 2.31 2.31
C CYS A 3 -1.70 3.25 3.08
N PRO A 4 -2.77 2.70 3.64
CA PRO A 4 -3.09 1.26 3.54
C PRO A 4 -3.88 0.96 2.26
N LYS A 6 -3.29 -1.42 -0.03
CA LYS A 6 -2.35 -1.69 -1.16
C LYS A 6 -1.76 -3.10 -1.02
N PRO A 7 -1.62 -3.80 -2.13
CA PRO A 7 -1.08 -5.18 -2.09
C PRO A 7 0.44 -5.14 -1.86
N TRP A 8 1.10 -4.13 -2.35
CA TRP A 8 2.59 -4.04 -2.18
C TRP A 8 2.95 -3.24 -0.91
N CYS A 9 2.08 -3.22 0.07
CA CYS A 9 2.37 -2.46 1.33
C CYS A 9 3.56 -3.11 2.07
#